data_3K1R
#
_entry.id   3K1R
#
_cell.length_a   59.603
_cell.length_b   57.775
_cell.length_c   59.505
_cell.angle_alpha   90.00
_cell.angle_beta   104.63
_cell.angle_gamma   90.00
#
_symmetry.space_group_name_H-M   'P 1 21 1'
#
loop_
_entity.id
_entity.type
_entity.pdbx_description
1 polymer Harmonin
2 polymer 'Usher syndrome type-1G protein'
3 water water
#
loop_
_entity_poly.entity_id
_entity_poly.type
_entity_poly.pdbx_seq_one_letter_code
_entity_poly.pdbx_strand_id
1 'polypeptide(L)'
;MDRKVAREFRHKVDFLIENDAEKDYLYDVLRMYHQTMDVAVLVGDLKLVINEPSRLPLFDAIRPLIPLKHQVEYDQLTPR
RSRKLKEVRLDRLHPEGLGLSVRGGLEFGCGLFISHLIKGGQADSVGLQVGDEIVRINGYSISSCTHEEVINLIRTEKTV
SIKVRHIGLIPVKSSPDEPLTWQYVDQFVSES
;
A
2 'polypeptide(L)' ETSPLETFLASLHMEDFAALLRQEKIDLEALMLCSDLDLRSISVPLGPREKILGAVRRRRQAMERPPALEDTEL B
#
# COMPACT_ATOMS: atom_id res chain seq x y z
N MET A 1 -25.55 8.16 -28.41
CA MET A 1 -24.31 7.86 -27.63
C MET A 1 -24.57 7.64 -26.14
N ASP A 2 -25.61 8.27 -25.60
CA ASP A 2 -25.85 8.29 -24.15
C ASP A 2 -26.32 6.93 -23.60
N ARG A 3 -26.84 6.06 -24.47
CA ARG A 3 -27.13 4.67 -24.08
C ARG A 3 -25.89 3.78 -24.11
N LYS A 4 -24.91 4.15 -24.93
CA LYS A 4 -23.62 3.46 -24.99
C LYS A 4 -22.76 3.84 -23.79
N VAL A 5 -22.73 5.13 -23.48
CA VAL A 5 -22.01 5.65 -22.32
C VAL A 5 -22.56 5.07 -21.02
N ALA A 6 -23.89 5.05 -20.90
CA ALA A 6 -24.57 4.49 -19.74
C ALA A 6 -24.26 2.99 -19.57
N ARG A 7 -24.24 2.28 -20.70
CA ARG A 7 -23.95 0.84 -20.72
C ARG A 7 -22.53 0.54 -20.23
N GLU A 8 -21.55 1.25 -20.80
CA GLU A 8 -20.15 1.09 -20.42
C GLU A 8 -19.88 1.50 -18.98
N PHE A 9 -20.54 2.57 -18.52
CA PHE A 9 -20.40 3.04 -17.15
C PHE A 9 -20.98 2.05 -16.15
N ARG A 10 -22.16 1.53 -16.46
CA ARG A 10 -22.86 0.54 -15.64
C ARG A 10 -22.04 -0.73 -15.43
N HIS A 11 -21.32 -1.17 -16.47
CA HIS A 11 -20.43 -2.32 -16.36
C HIS A 11 -19.29 -2.07 -15.37
N LYS A 12 -18.75 -0.84 -15.41
CA LYS A 12 -17.67 -0.44 -14.51
C LYS A 12 -18.17 -0.34 -13.06
N VAL A 13 -19.39 0.14 -12.88
CA VAL A 13 -20.01 0.24 -11.55
C VAL A 13 -20.26 -1.14 -10.95
N ASP A 14 -20.85 -2.04 -11.74
CA ASP A 14 -21.16 -3.39 -11.29
C ASP A 14 -19.90 -4.19 -10.90
N PHE A 15 -18.82 -3.96 -11.64
CA PHE A 15 -17.55 -4.65 -11.39
C PHE A 15 -16.85 -4.22 -10.09
N LEU A 16 -16.96 -2.93 -9.75
CA LEU A 16 -16.21 -2.36 -8.62
C LEU A 16 -17.02 -2.22 -7.33
N ILE A 17 -18.35 -2.27 -7.46
CA ILE A 17 -19.25 -2.18 -6.30
C ILE A 17 -20.19 -3.38 -6.27
N GLU A 18 -20.17 -4.12 -5.17
CA GLU A 18 -21.03 -5.29 -5.01
C GLU A 18 -22.43 -4.89 -4.57
N ASN A 19 -22.49 -3.99 -3.58
CA ASN A 19 -23.72 -3.64 -2.87
C ASN A 19 -24.66 -2.73 -3.65
N ASP A 20 -25.94 -3.09 -3.64
CA ASP A 20 -26.99 -2.35 -4.37
C ASP A 20 -27.29 -0.98 -3.79
N ALA A 21 -27.24 -0.85 -2.46
CA ALA A 21 -27.49 0.42 -1.79
C ALA A 21 -26.40 1.43 -2.11
N GLU A 22 -25.17 0.93 -2.24
CA GLU A 22 -24.02 1.74 -2.62
C GLU A 22 -24.11 2.20 -4.08
N LYS A 23 -24.60 1.32 -4.94
CA LYS A 23 -24.85 1.66 -6.36
C LYS A 23 -25.92 2.74 -6.47
N ASP A 24 -27.03 2.55 -5.76
CA ASP A 24 -28.14 3.51 -5.76
C ASP A 24 -27.70 4.91 -5.35
N TYR A 25 -26.81 4.98 -4.34
CA TYR A 25 -26.27 6.24 -3.86
C TYR A 25 -25.39 6.89 -4.92
N LEU A 26 -24.61 6.07 -5.62
CA LEU A 26 -23.72 6.54 -6.67
C LEU A 26 -24.49 7.20 -7.79
N TYR A 27 -25.50 6.51 -8.31
CA TYR A 27 -26.33 7.02 -9.40
C TYR A 27 -27.10 8.27 -8.99
N ASP A 28 -27.50 8.32 -7.72
CA ASP A 28 -28.25 9.45 -7.20
C ASP A 28 -27.44 10.74 -7.13
N VAL A 29 -26.20 10.64 -6.66
CA VAL A 29 -25.33 11.82 -6.58
C VAL A 29 -24.89 12.33 -7.96
N LEU A 30 -24.81 11.41 -8.93
CA LEU A 30 -24.52 11.78 -10.32
C LEU A 30 -25.71 12.47 -10.97
N ARG A 31 -26.91 11.98 -10.66
CA ARG A 31 -28.17 12.63 -11.05
C ARG A 31 -28.28 14.04 -10.48
N MET A 32 -27.88 14.21 -9.22
CA MET A 32 -27.89 15.51 -8.57
C MET A 32 -26.91 16.47 -9.22
N TYR A 33 -25.73 15.96 -9.55
CA TYR A 33 -24.70 16.75 -10.22
C TYR A 33 -25.18 17.26 -11.57
N HIS A 34 -25.85 16.41 -12.34
CA HIS A 34 -26.40 16.81 -13.63
C HIS A 34 -27.37 17.98 -13.49
N GLN A 35 -28.06 18.05 -12.35
CA GLN A 35 -29.02 19.13 -12.06
C GLN A 35 -28.36 20.42 -11.56
N THR A 36 -27.35 20.28 -10.70
CA THR A 36 -26.74 21.43 -10.02
C THR A 36 -25.42 21.91 -10.64
N MET A 37 -24.70 20.99 -11.30
CA MET A 37 -23.36 21.25 -11.87
C MET A 37 -22.32 21.66 -10.83
N ASP A 38 -22.52 21.22 -9.60
CA ASP A 38 -21.59 21.48 -8.52
C ASP A 38 -20.59 20.32 -8.43
N VAL A 39 -19.41 20.54 -8.98
CA VAL A 39 -18.38 19.50 -9.09
C VAL A 39 -17.70 19.20 -7.73
N ALA A 40 -17.50 20.24 -6.92
CA ALA A 40 -16.93 20.07 -5.58
C ALA A 40 -17.80 19.20 -4.68
N VAL A 41 -19.11 19.47 -4.69
CA VAL A 41 -20.09 18.69 -3.94
C VAL A 41 -20.13 17.24 -4.44
N LEU A 42 -20.05 17.07 -5.76
CA LEU A 42 -20.03 15.74 -6.38
C LEU A 42 -18.88 14.90 -5.86
N VAL A 43 -17.66 15.45 -5.93
CA VAL A 43 -16.46 14.73 -5.50
C VAL A 43 -16.54 14.39 -4.01
N GLY A 44 -17.02 15.33 -3.21
CA GLY A 44 -17.23 15.10 -1.77
C GLY A 44 -18.22 13.98 -1.49
N ASP A 45 -19.33 13.96 -2.22
CA ASP A 45 -20.35 12.94 -2.07
C ASP A 45 -19.89 11.57 -2.60
N LEU A 46 -19.10 11.57 -3.68
CA LEU A 46 -18.55 10.33 -4.26
C LEU A 46 -17.63 9.58 -3.29
N LYS A 47 -16.97 10.31 -2.41
CA LYS A 47 -16.04 9.74 -1.43
C LYS A 47 -16.68 8.69 -0.51
N LEU A 48 -17.97 8.84 -0.22
CA LEU A 48 -18.68 7.87 0.62
C LEU A 48 -18.64 6.45 0.06
N VAL A 49 -18.73 6.32 -1.25
CA VAL A 49 -18.60 5.00 -1.90
C VAL A 49 -17.18 4.69 -2.37
N ILE A 50 -16.45 5.70 -2.84
CA ILE A 50 -15.04 5.51 -3.24
C ILE A 50 -14.17 5.65 -1.99
N ASN A 51 -14.10 4.57 -1.22
CA ASN A 51 -13.56 4.61 0.13
C ASN A 51 -12.42 3.62 0.38
N GLU A 52 -11.87 3.08 -0.71
CA GLU A 52 -10.75 2.13 -0.66
C GLU A 52 -10.04 2.10 -2.03
N PRO A 53 -8.75 1.70 -2.07
CA PRO A 53 -7.99 1.71 -3.32
C PRO A 53 -8.67 1.02 -4.50
N SER A 54 -9.27 -0.14 -4.29
CA SER A 54 -9.88 -0.92 -5.36
C SER A 54 -11.04 -0.19 -6.06
N ARG A 55 -11.55 0.86 -5.41
CA ARG A 55 -12.69 1.61 -5.94
C ARG A 55 -12.31 2.92 -6.64
N LEU A 56 -11.03 3.27 -6.59
CA LEU A 56 -10.53 4.51 -7.20
C LEU A 56 -10.65 4.60 -8.73
N PRO A 57 -10.62 3.46 -9.45
CA PRO A 57 -10.87 3.53 -10.89
C PRO A 57 -12.25 4.09 -11.28
N LEU A 58 -13.16 4.17 -10.31
CA LEU A 58 -14.48 4.78 -10.52
C LEU A 58 -14.37 6.25 -10.90
N PHE A 59 -13.37 6.94 -10.36
CA PHE A 59 -13.09 8.33 -10.74
C PHE A 59 -12.77 8.45 -12.22
N ASP A 60 -12.04 7.48 -12.76
CA ASP A 60 -11.74 7.43 -14.19
C ASP A 60 -13.00 7.14 -14.99
N ALA A 61 -13.83 6.24 -14.48
CA ALA A 61 -15.09 5.84 -15.13
C ALA A 61 -16.08 7.01 -15.20
N ILE A 62 -16.04 7.87 -14.19
CA ILE A 62 -16.96 8.99 -14.08
C ILE A 62 -16.51 10.19 -14.94
N ARG A 63 -15.21 10.35 -15.12
CA ARG A 63 -14.66 11.52 -15.84
C ARG A 63 -15.32 11.84 -17.19
N PRO A 64 -15.58 10.82 -18.05
CA PRO A 64 -16.28 11.08 -19.32
C PRO A 64 -17.68 11.70 -19.15
N LEU A 65 -18.32 11.41 -18.02
CA LEU A 65 -19.64 11.96 -17.68
C LEU A 65 -19.55 13.46 -17.35
N ILE A 66 -18.37 13.91 -16.98
CA ILE A 66 -18.14 15.31 -16.62
C ILE A 66 -17.96 16.17 -17.88
N PRO A 67 -18.78 17.23 -18.01
CA PRO A 67 -18.64 18.14 -19.16
C PRO A 67 -17.27 18.78 -19.21
N LEU A 68 -16.84 19.13 -20.42
CA LEU A 68 -15.50 19.64 -20.69
C LEU A 68 -15.09 20.82 -19.81
N LYS A 69 -16.02 21.74 -19.58
CA LYS A 69 -15.74 22.95 -18.80
C LYS A 69 -15.46 22.69 -17.31
N HIS A 70 -15.70 21.47 -16.86
CA HIS A 70 -15.47 21.10 -15.45
C HIS A 70 -14.38 20.05 -15.25
N GLN A 71 -13.83 19.53 -16.35
CA GLN A 71 -12.85 18.44 -16.28
C GLN A 71 -11.52 18.81 -15.63
N VAL A 72 -11.11 20.07 -15.77
CA VAL A 72 -9.87 20.56 -15.14
C VAL A 72 -10.04 20.61 -13.62
N GLU A 73 -11.16 21.15 -13.15
CA GLU A 73 -11.46 21.23 -11.71
C GLU A 73 -11.65 19.85 -11.10
N TYR A 74 -12.33 18.96 -11.83
CA TYR A 74 -12.56 17.57 -11.41
C TYR A 74 -11.25 16.84 -11.16
N ASP A 75 -10.29 17.01 -12.08
CA ASP A 75 -8.95 16.43 -11.96
C ASP A 75 -8.20 16.95 -10.72
N GLN A 76 -8.36 18.25 -10.44
CA GLN A 76 -7.71 18.87 -9.29
C GLN A 76 -8.26 18.36 -7.96
N LEU A 77 -9.55 18.05 -7.92
CA LEU A 77 -10.23 17.62 -6.70
C LEU A 77 -10.13 16.11 -6.46
N THR A 78 -9.70 15.37 -7.49
CA THR A 78 -9.57 13.92 -7.38
C THR A 78 -8.10 13.51 -7.34
N PRO A 79 -7.79 12.37 -6.69
CA PRO A 79 -6.40 11.92 -6.61
C PRO A 79 -5.76 11.69 -7.98
N ARG A 80 -4.55 12.21 -8.15
CA ARG A 80 -3.82 12.04 -9.40
C ARG A 80 -3.05 10.73 -9.38
N ARG A 81 -3.53 9.77 -10.18
CA ARG A 81 -2.97 8.43 -10.23
C ARG A 81 -2.38 8.11 -11.60
N SER A 82 -1.45 7.16 -11.63
CA SER A 82 -0.82 6.71 -12.88
C SER A 82 -0.30 5.29 -12.69
N ARG A 83 -0.48 4.45 -13.72
CA ARG A 83 -0.02 3.06 -13.65
C ARG A 83 1.48 2.93 -13.88
N LYS A 84 2.11 4.03 -14.31
CA LYS A 84 3.56 4.10 -14.44
C LYS A 84 4.21 4.32 -13.07
N LEU A 85 5.17 3.46 -12.75
CA LEU A 85 5.83 3.46 -11.45
C LEU A 85 6.97 4.48 -11.38
N LYS A 86 7.09 5.14 -10.23
CA LYS A 86 8.14 6.12 -9.98
C LYS A 86 9.23 5.52 -9.09
N GLU A 87 10.48 5.60 -9.54
CA GLU A 87 11.61 5.05 -8.79
C GLU A 87 12.50 6.17 -8.24
N VAL A 88 12.89 6.03 -6.97
CA VAL A 88 13.78 6.98 -6.32
C VAL A 88 14.89 6.26 -5.55
N ARG A 89 16.04 6.93 -5.42
CA ARG A 89 17.17 6.39 -4.69
C ARG A 89 17.47 7.29 -3.50
N LEU A 90 17.43 6.71 -2.30
CA LEU A 90 17.59 7.45 -1.05
C LEU A 90 18.82 7.02 -0.23
N ASP A 91 19.43 8.01 0.43
CA ASP A 91 20.62 7.81 1.24
C ASP A 91 20.24 7.75 2.72
N ARG A 92 20.45 6.60 3.34
CA ARG A 92 20.12 6.39 4.76
C ARG A 92 21.13 7.03 5.71
N LEU A 93 22.37 7.17 5.25
CA LEU A 93 23.44 7.79 6.05
C LEU A 93 23.40 9.33 6.04
N HIS A 94 22.41 9.89 5.36
CA HIS A 94 22.18 11.33 5.35
C HIS A 94 21.91 11.81 6.77
N PRO A 95 22.58 12.91 7.19
CA PRO A 95 22.45 13.48 8.54
C PRO A 95 21.00 13.66 9.03
N GLU A 96 20.09 13.91 8.10
CA GLU A 96 18.69 14.15 8.44
C GLU A 96 17.75 13.01 8.06
N GLY A 97 18.31 11.87 7.67
CA GLY A 97 17.53 10.66 7.38
C GLY A 97 16.78 10.73 6.06
N LEU A 98 15.78 9.86 5.92
CA LEU A 98 14.99 9.80 4.68
C LEU A 98 13.93 10.89 4.62
N GLY A 99 13.45 11.31 5.80
CA GLY A 99 12.45 12.38 5.89
C GLY A 99 11.05 11.97 5.51
N LEU A 100 10.67 10.75 5.89
CA LEU A 100 9.31 10.24 5.66
C LEU A 100 8.88 9.26 6.75
N SER A 101 7.56 9.08 6.89
CA SER A 101 7.00 8.04 7.75
C SER A 101 6.21 7.05 6.93
N VAL A 102 6.03 5.87 7.49
CA VAL A 102 5.54 4.71 6.74
C VAL A 102 4.66 3.83 7.62
N ARG A 103 3.52 3.40 7.08
CA ARG A 103 2.58 2.51 7.77
C ARG A 103 2.00 1.44 6.85
N GLY A 104 1.67 0.28 7.45
CA GLY A 104 1.05 -0.81 6.70
C GLY A 104 1.89 -2.06 6.67
N GLY A 105 1.35 -3.10 6.02
CA GLY A 105 2.00 -4.41 5.95
C GLY A 105 0.98 -5.51 5.91
N LEU A 106 1.44 -6.72 5.59
CA LEU A 106 0.57 -7.88 5.38
C LEU A 106 -0.36 -8.21 6.56
N GLU A 107 0.11 -7.95 7.78
CA GLU A 107 -0.67 -8.24 8.97
C GLU A 107 -1.89 -7.34 9.14
N PHE A 108 -1.92 -6.24 8.38
CA PHE A 108 -3.02 -5.28 8.42
C PHE A 108 -3.97 -5.45 7.23
N GLY A 109 -3.58 -6.31 6.29
CA GLY A 109 -4.36 -6.55 5.07
C GLY A 109 -4.29 -5.41 4.07
N CYS A 110 -3.23 -4.61 4.18
CA CYS A 110 -3.03 -3.47 3.30
C CYS A 110 -1.55 -3.32 2.91
N GLY A 111 -1.30 -2.57 1.85
CA GLY A 111 0.06 -2.30 1.40
C GLY A 111 0.78 -1.28 2.26
N LEU A 112 1.98 -0.90 1.83
CA LEU A 112 2.78 0.07 2.57
C LEU A 112 2.67 1.48 2.00
N PHE A 113 2.27 2.42 2.85
CA PHE A 113 1.96 3.78 2.42
C PHE A 113 2.79 4.85 3.15
N ILE A 114 3.23 5.86 2.39
CA ILE A 114 3.89 7.03 2.96
C ILE A 114 2.83 7.88 3.65
N SER A 115 2.98 8.04 4.96
CA SER A 115 1.96 8.72 5.78
C SER A 115 2.35 10.14 6.21
N HIS A 116 3.66 10.42 6.21
CA HIS A 116 4.16 11.75 6.57
CA HIS A 116 4.16 11.75 6.57
C HIS A 116 5.38 12.09 5.71
N LEU A 117 5.50 13.38 5.37
CA LEU A 117 6.64 13.89 4.63
C LEU A 117 7.21 15.08 5.39
N ILE A 118 8.53 15.14 5.53
CA ILE A 118 9.17 16.32 6.07
C ILE A 118 9.51 17.25 4.93
N LYS A 119 8.86 18.41 4.93
CA LYS A 119 8.97 19.41 3.87
C LYS A 119 10.41 19.91 3.76
N GLY A 120 11.00 19.71 2.59
CA GLY A 120 12.41 20.07 2.35
C GLY A 120 13.37 18.92 2.59
N GLY A 121 12.84 17.80 3.07
CA GLY A 121 13.65 16.61 3.34
C GLY A 121 14.03 15.84 2.08
N GLN A 122 14.73 14.73 2.28
CA GLN A 122 15.27 13.93 1.18
C GLN A 122 14.18 13.26 0.33
N ALA A 123 13.19 12.67 1.01
CA ALA A 123 12.04 12.06 0.34
C ALA A 123 11.26 13.08 -0.47
N ASP A 124 11.02 14.24 0.13
CA ASP A 124 10.33 15.35 -0.51
C ASP A 124 11.06 15.82 -1.77
N SER A 125 12.38 15.96 -1.67
CA SER A 125 13.20 16.48 -2.77
C SER A 125 13.22 15.58 -4.00
N VAL A 126 13.07 14.27 -3.80
CA VAL A 126 13.01 13.33 -4.91
C VAL A 126 11.58 13.14 -5.47
N GLY A 127 10.63 13.82 -4.83
CA GLY A 127 9.26 13.86 -5.33
C GLY A 127 8.31 12.81 -4.78
N LEU A 128 8.66 12.23 -3.64
CA LEU A 128 7.76 11.29 -2.96
C LEU A 128 6.61 12.04 -2.28
N GLN A 129 5.50 11.35 -2.10
CA GLN A 129 4.26 11.99 -1.63
C GLN A 129 3.54 11.21 -0.53
N VAL A 130 2.87 11.94 0.35
CA VAL A 130 1.90 11.33 1.26
C VAL A 130 0.77 10.79 0.39
N GLY A 131 0.48 9.50 0.56
CA GLY A 131 -0.50 8.82 -0.29
C GLY A 131 0.13 7.89 -1.30
N ASP A 132 1.45 7.96 -1.44
CA ASP A 132 2.20 7.03 -2.28
C ASP A 132 2.20 5.66 -1.64
N GLU A 133 2.00 4.63 -2.47
CA GLU A 133 2.18 3.26 -2.04
C GLU A 133 3.53 2.75 -2.51
N ILE A 134 4.29 2.19 -1.58
CA ILE A 134 5.58 1.57 -1.91
C ILE A 134 5.31 0.16 -2.41
N VAL A 135 5.71 -0.10 -3.64
CA VAL A 135 5.46 -1.40 -4.27
C VAL A 135 6.74 -2.22 -4.41
N ARG A 136 7.88 -1.56 -4.26
CA ARG A 136 9.17 -2.23 -4.35
C ARG A 136 10.24 -1.54 -3.50
N ILE A 137 11.00 -2.35 -2.77
CA ILE A 137 12.15 -1.89 -1.99
C ILE A 137 13.37 -2.70 -2.38
N ASN A 138 14.42 -1.99 -2.84
CA ASN A 138 15.66 -2.61 -3.31
C ASN A 138 15.45 -3.74 -4.34
N GLY A 139 14.44 -3.59 -5.18
CA GLY A 139 14.11 -4.58 -6.20
C GLY A 139 13.14 -5.67 -5.78
N TYR A 140 12.83 -5.74 -4.48
CA TYR A 140 11.98 -6.82 -3.93
C TYR A 140 10.50 -6.44 -3.84
N SER A 141 9.64 -7.40 -4.20
CA SER A 141 8.19 -7.29 -3.96
C SER A 141 7.90 -7.38 -2.47
N ILE A 142 6.97 -6.57 -1.99
CA ILE A 142 6.64 -6.53 -0.56
C ILE A 142 5.19 -6.90 -0.25
N SER A 143 4.52 -7.54 -1.19
CA SER A 143 3.12 -7.93 -1.05
C SER A 143 2.88 -9.01 0.03
N SER A 144 3.93 -9.75 0.37
CA SER A 144 3.85 -10.79 1.41
C SER A 144 4.60 -10.42 2.69
N CYS A 145 4.93 -9.13 2.83
CA CYS A 145 5.74 -8.68 3.97
C CYS A 145 4.93 -8.01 5.08
N THR A 146 5.27 -8.37 6.32
CA THR A 146 4.77 -7.65 7.49
C THR A 146 5.46 -6.29 7.60
N HIS A 147 4.94 -5.43 8.47
CA HIS A 147 5.50 -4.08 8.65
C HIS A 147 6.98 -4.10 9.01
N GLU A 148 7.34 -4.98 9.94
CA GLU A 148 8.70 -5.07 10.47
C GLU A 148 9.71 -5.55 9.42
N GLU A 149 9.28 -6.51 8.60
CA GLU A 149 10.13 -7.04 7.53
C GLU A 149 10.46 -5.97 6.49
N VAL A 150 9.48 -5.12 6.18
CA VAL A 150 9.68 -4.00 5.27
C VAL A 150 10.68 -2.98 5.86
N ILE A 151 10.54 -2.68 7.14
CA ILE A 151 11.43 -1.77 7.85
C ILE A 151 12.85 -2.31 7.89
N ASN A 152 12.99 -3.60 8.23
CA ASN A 152 14.29 -4.27 8.22
C ASN A 152 14.91 -4.29 6.83
N LEU A 153 14.09 -4.49 5.80
CA LEU A 153 14.55 -4.52 4.42
C LEU A 153 15.07 -3.15 3.96
N ILE A 154 14.41 -2.08 4.40
CA ILE A 154 14.86 -0.72 4.12
C ILE A 154 16.24 -0.47 4.73
N ARG A 155 16.47 -1.05 5.91
CA ARG A 155 17.69 -0.82 6.69
C ARG A 155 18.84 -1.79 6.39
N THR A 156 18.69 -2.64 5.37
CA THR A 156 19.73 -3.62 5.03
C THR A 156 21.00 -2.97 4.49
N GLU A 157 20.84 -1.99 3.60
CA GLU A 157 21.97 -1.34 2.95
C GLU A 157 22.06 0.15 3.29
N LYS A 158 23.23 0.74 3.08
CA LYS A 158 23.49 2.15 3.37
C LYS A 158 22.63 3.07 2.50
N THR A 159 22.17 2.54 1.37
CA THR A 159 21.26 3.24 0.48
C THR A 159 20.03 2.38 0.20
N VAL A 160 18.92 3.02 -0.17
CA VAL A 160 17.67 2.31 -0.46
C VAL A 160 16.98 2.87 -1.71
N SER A 161 16.54 1.97 -2.57
CA SER A 161 15.73 2.36 -3.74
C SER A 161 14.28 1.99 -3.52
N ILE A 162 13.40 2.95 -3.74
CA ILE A 162 11.97 2.75 -3.54
C ILE A 162 11.24 2.98 -4.86
N LYS A 163 10.39 2.02 -5.21
CA LYS A 163 9.45 2.19 -6.31
C LYS A 163 8.06 2.49 -5.76
N VAL A 164 7.41 3.47 -6.37
CA VAL A 164 6.20 4.04 -5.80
C VAL A 164 5.04 4.18 -6.78
N ARG A 165 3.83 4.00 -6.25
CA ARG A 165 2.59 4.13 -6.98
C ARG A 165 1.74 5.11 -6.17
N HIS A 166 1.29 6.21 -6.78
CA HIS A 166 0.45 7.16 -6.05
C HIS A 166 -1.01 6.71 -6.00
N ILE A 167 -1.53 6.61 -4.79
CA ILE A 167 -2.89 6.15 -4.55
C ILE A 167 -3.76 7.30 -4.06
N GLY A 168 -3.26 8.05 -3.08
CA GLY A 168 -3.98 9.19 -2.51
C GLY A 168 -4.88 8.83 -1.35
N LEU A 169 -4.70 7.63 -0.80
CA LEU A 169 -5.42 7.18 0.40
C LEU A 169 -4.44 6.66 1.44
N ILE A 170 -4.81 6.78 2.71
CA ILE A 170 -4.00 6.31 3.83
C ILE A 170 -4.81 5.30 4.66
N PRO A 171 -4.22 4.12 4.95
CA PRO A 171 -4.93 3.12 5.76
C PRO A 171 -4.99 3.53 7.23
N VAL A 172 -6.12 3.28 7.88
CA VAL A 172 -6.36 3.70 9.27
C VAL A 172 -6.95 2.55 10.08
N LYS A 173 -6.38 2.34 11.28
CA LYS A 173 -6.81 1.31 12.23
C LYS A 173 -6.27 1.70 13.61
N SER A 174 -7.10 2.40 14.39
CA SER A 174 -6.67 3.06 15.62
C SER A 174 -6.47 2.13 16.83
N SER A 175 -6.99 0.90 16.72
CA SER A 175 -6.80 -0.11 17.76
C SER A 175 -6.83 -1.51 17.15
N PRO A 176 -6.30 -2.53 17.88
CA PRO A 176 -6.30 -3.91 17.39
C PRO A 176 -7.67 -4.49 17.03
N ASP A 177 -8.73 -3.86 17.54
CA ASP A 177 -10.10 -4.34 17.32
C ASP A 177 -10.84 -3.56 16.24
N GLU A 178 -10.30 -2.40 15.87
CA GLU A 178 -10.88 -1.56 14.81
C GLU A 178 -10.77 -2.24 13.44
N PRO A 179 -11.76 -2.01 12.56
CA PRO A 179 -11.60 -2.49 11.19
C PRO A 179 -10.68 -1.56 10.41
N LEU A 180 -10.08 -2.08 9.35
CA LEU A 180 -9.27 -1.27 8.45
C LEU A 180 -10.18 -0.34 7.63
N THR A 181 -9.97 0.96 7.77
CA THR A 181 -10.63 1.95 6.91
C THR A 181 -9.59 2.78 6.16
N TRP A 182 -10.05 3.63 5.25
CA TRP A 182 -9.16 4.46 4.45
C TRP A 182 -9.56 5.93 4.52
N GLN A 183 -8.57 6.79 4.64
CA GLN A 183 -8.80 8.23 4.61
C GLN A 183 -8.04 8.86 3.44
N TYR A 184 -8.68 9.79 2.76
CA TYR A 184 -8.02 10.62 1.76
C TYR A 184 -6.92 11.45 2.41
N VAL A 185 -5.85 11.71 1.65
CA VAL A 185 -4.67 12.40 2.17
C VAL A 185 -5.03 13.66 2.97
N ASP A 186 -5.86 14.52 2.39
CA ASP A 186 -6.24 15.78 3.04
C ASP A 186 -6.80 15.60 4.46
N GLN A 187 -7.66 14.60 4.67
CA GLN A 187 -8.21 14.30 6.01
C GLN A 187 -7.13 13.83 6.98
N PHE A 188 -6.35 12.83 6.58
CA PHE A 188 -5.30 12.27 7.43
C PHE A 188 -4.24 13.29 7.85
N VAL A 189 -3.81 14.13 6.90
CA VAL A 189 -2.82 15.16 7.18
C VAL A 189 -3.36 16.24 8.12
N SER A 190 -4.62 16.62 7.94
CA SER A 190 -5.26 17.64 8.77
C SER A 190 -5.49 17.14 10.20
N GLU A 191 -5.83 15.87 10.33
CA GLU A 191 -6.13 15.29 11.63
C GLU A 191 -4.89 14.91 12.44
N SER A 192 -3.73 14.90 11.80
CA SER A 192 -2.49 14.53 12.47
C SER A 192 -1.93 15.70 13.27
N GLU B 1 7.17 -9.92 -8.37
CA GLU B 1 8.29 -10.42 -9.24
C GLU B 1 9.28 -11.30 -8.45
N THR B 2 9.50 -10.98 -7.18
CA THR B 2 10.26 -11.87 -6.30
C THR B 2 9.32 -12.64 -5.36
N SER B 3 9.74 -13.85 -4.98
CA SER B 3 8.95 -14.73 -4.12
C SER B 3 8.86 -14.19 -2.69
N PRO B 4 7.80 -14.58 -1.94
CA PRO B 4 7.70 -14.26 -0.52
C PRO B 4 8.93 -14.68 0.29
N LEU B 5 9.52 -15.82 -0.07
CA LEU B 5 10.72 -16.31 0.61
C LEU B 5 11.95 -15.44 0.32
N GLU B 6 12.11 -15.02 -0.93
CA GLU B 6 13.23 -14.17 -1.33
C GLU B 6 13.27 -12.85 -0.57
N THR B 7 12.10 -12.23 -0.43
CA THR B 7 11.99 -10.95 0.28
C THR B 7 12.14 -11.15 1.79
N PHE B 8 11.56 -12.22 2.31
CA PHE B 8 11.67 -12.57 3.73
C PHE B 8 13.13 -12.73 4.14
N LEU B 9 13.90 -13.51 3.38
CA LEU B 9 15.30 -13.76 3.67
C LEU B 9 16.18 -12.52 3.45
N ALA B 10 15.76 -11.65 2.52
CA ALA B 10 16.48 -10.42 2.23
C ALA B 10 16.39 -9.41 3.38
N SER B 11 15.24 -9.38 4.05
CA SER B 11 15.02 -8.50 5.19
C SER B 11 15.84 -8.93 6.41
N LEU B 12 16.36 -10.16 6.36
CA LEU B 12 17.12 -10.72 7.47
C LEU B 12 18.62 -10.87 7.15
N HIS B 13 19.04 -10.27 6.03
CA HIS B 13 20.42 -10.43 5.52
C HIS B 13 20.78 -11.91 5.32
N MET B 14 19.82 -12.68 4.82
CA MET B 14 19.99 -14.12 4.65
C MET B 14 19.59 -14.60 3.26
N GLU B 15 19.82 -13.73 2.27
CA GLU B 15 19.59 -14.02 0.85
C GLU B 15 20.37 -15.24 0.38
N ASP B 16 21.57 -15.39 0.94
CA ASP B 16 22.49 -16.47 0.55
C ASP B 16 22.02 -17.86 0.97
N PHE B 17 20.95 -17.91 1.77
CA PHE B 17 20.33 -19.18 2.16
C PHE B 17 19.14 -19.59 1.29
N ALA B 18 18.75 -18.71 0.36
CA ALA B 18 17.62 -18.97 -0.53
C ALA B 18 17.86 -20.18 -1.46
N ALA B 19 19.11 -20.34 -1.89
CA ALA B 19 19.49 -21.46 -2.76
C ALA B 19 19.31 -22.80 -2.05
N LEU B 20 19.78 -22.89 -0.81
CA LEU B 20 19.68 -24.09 0.01
C LEU B 20 18.23 -24.48 0.30
N LEU B 21 17.41 -23.48 0.62
CA LEU B 21 16.00 -23.69 0.99
C LEU B 21 15.15 -24.14 -0.19
N ARG B 22 15.37 -23.53 -1.35
CA ARG B 22 14.66 -23.87 -2.59
C ARG B 22 15.09 -25.25 -3.08
N GLN B 23 16.35 -25.58 -2.87
CA GLN B 23 16.89 -26.92 -3.17
C GLN B 23 16.20 -28.01 -2.33
N GLU B 24 15.90 -27.69 -1.07
CA GLU B 24 15.20 -28.60 -0.17
C GLU B 24 13.68 -28.48 -0.29
N LYS B 25 13.22 -27.82 -1.35
CA LYS B 25 11.80 -27.61 -1.65
C LYS B 25 11.03 -26.92 -0.52
N ILE B 26 11.66 -25.90 0.08
CA ILE B 26 11.03 -25.13 1.14
C ILE B 26 10.74 -23.70 0.71
N ASP B 27 9.47 -23.39 0.54
CA ASP B 27 9.01 -22.02 0.32
C ASP B 27 8.66 -21.40 1.68
N LEU B 28 8.21 -20.15 1.68
CA LEU B 28 7.93 -19.43 2.92
C LEU B 28 6.83 -20.11 3.75
N GLU B 29 5.79 -20.57 3.06
CA GLU B 29 4.69 -21.30 3.71
C GLU B 29 5.23 -22.51 4.48
N ALA B 30 6.13 -23.27 3.86
CA ALA B 30 6.75 -24.43 4.49
C ALA B 30 7.72 -24.05 5.62
N LEU B 31 8.43 -22.94 5.45
CA LEU B 31 9.42 -22.48 6.43
C LEU B 31 8.77 -22.08 7.76
N MET B 32 7.57 -21.52 7.68
CA MET B 32 6.78 -21.11 8.84
C MET B 32 6.51 -22.28 9.80
N LEU B 33 6.53 -23.49 9.25
CA LEU B 33 6.23 -24.70 10.02
C LEU B 33 7.48 -25.49 10.39
N CYS B 34 8.66 -24.94 10.09
CA CYS B 34 9.93 -25.60 10.37
C CYS B 34 10.38 -25.43 11.82
N SER B 35 10.70 -26.55 12.46
CA SER B 35 11.26 -26.55 13.80
C SER B 35 12.78 -26.42 13.73
N ASP B 36 13.41 -26.27 14.90
CA ASP B 36 14.87 -26.23 15.00
C ASP B 36 15.50 -27.50 14.41
N LEU B 37 14.91 -28.65 14.74
CA LEU B 37 15.36 -29.95 14.23
C LEU B 37 15.30 -30.04 12.70
N ASP B 38 14.22 -29.52 12.12
CA ASP B 38 14.04 -29.54 10.66
C ASP B 38 15.19 -28.83 9.94
N LEU B 39 15.56 -27.65 10.45
CA LEU B 39 16.61 -26.84 9.85
C LEU B 39 18.01 -27.40 10.14
N ARG B 40 18.18 -27.99 11.32
CA ARG B 40 19.39 -28.74 11.66
C ARG B 40 19.64 -29.87 10.65
N SER B 41 18.57 -30.56 10.28
CA SER B 41 18.63 -31.70 9.35
C SER B 41 19.04 -31.31 7.94
N ILE B 42 18.79 -30.06 7.55
CA ILE B 42 19.20 -29.57 6.24
C ILE B 42 20.44 -28.65 6.30
N SER B 43 21.21 -28.81 7.38
CA SER B 43 22.53 -28.18 7.55
C SER B 43 22.52 -26.65 7.68
N VAL B 44 21.49 -26.11 8.33
CA VAL B 44 21.45 -24.68 8.64
C VAL B 44 22.12 -24.46 9.99
N PRO B 45 23.22 -23.67 10.02
CA PRO B 45 24.00 -23.45 11.25
C PRO B 45 23.22 -22.72 12.34
N LEU B 46 23.69 -22.83 13.58
CA LEU B 46 23.00 -22.29 14.77
C LEU B 46 22.55 -20.83 14.64
N GLY B 47 23.49 -19.94 14.35
CA GLY B 47 23.21 -18.51 14.22
C GLY B 47 22.09 -18.20 13.23
N PRO B 48 22.24 -18.63 11.96
CA PRO B 48 21.19 -18.51 10.95
C PRO B 48 19.88 -19.20 11.30
N ARG B 49 19.96 -20.33 12.00
CA ARG B 49 18.79 -21.10 12.41
C ARG B 49 17.92 -20.32 13.39
N GLU B 50 18.58 -19.63 14.33
CA GLU B 50 17.89 -18.85 15.36
C GLU B 50 17.34 -17.53 14.83
N LYS B 51 18.01 -16.97 13.81
CA LYS B 51 17.54 -15.75 13.18
C LYS B 51 16.25 -16.02 12.40
N ILE B 52 16.27 -17.09 11.60
CA ILE B 52 15.07 -17.52 10.86
C ILE B 52 13.90 -17.83 11.80
N LEU B 53 14.15 -18.65 12.81
CA LEU B 53 13.11 -19.08 13.77
C LEU B 53 12.50 -17.92 14.54
N GLY B 54 13.34 -16.97 14.96
CA GLY B 54 12.87 -15.75 15.60
C GLY B 54 11.99 -14.91 14.70
N ALA B 55 12.39 -14.78 13.43
CA ALA B 55 11.62 -14.03 12.44
C ALA B 55 10.28 -14.67 12.09
N VAL B 56 10.26 -16.01 12.03
CA VAL B 56 9.02 -16.76 11.85
C VAL B 56 8.04 -16.45 12.98
N ARG B 57 8.54 -16.51 14.22
CA ARG B 57 7.74 -16.23 15.42
C ARG B 57 7.17 -14.82 15.46
N ARG B 58 7.99 -13.83 15.09
CA ARG B 58 7.55 -12.44 15.01
C ARG B 58 6.51 -12.25 13.90
N ARG B 59 6.69 -12.95 12.79
CA ARG B 59 5.75 -12.91 11.68
C ARG B 59 4.40 -13.49 12.10
N ARG B 60 4.42 -14.66 12.74
CA ARG B 60 3.21 -15.32 13.21
C ARG B 60 2.44 -14.47 14.24
N GLN B 61 3.16 -13.83 15.16
CA GLN B 61 2.54 -13.00 16.18
C GLN B 61 1.89 -11.74 15.59
N ALA B 62 2.52 -11.19 14.55
CA ALA B 62 1.98 -10.04 13.83
C ALA B 62 0.72 -10.39 13.04
N MET B 63 0.74 -11.56 12.39
CA MET B 63 -0.40 -12.03 11.60
C MET B 63 -1.59 -12.42 12.48
N GLU B 64 -1.31 -13.03 13.63
CA GLU B 64 -2.35 -13.54 14.52
C GLU B 64 -2.89 -12.48 15.46
N ARG B 65 -2.03 -11.58 15.92
CA ARG B 65 -2.43 -10.50 16.83
C ARG B 65 -2.00 -9.11 16.31
N PRO B 66 -2.54 -8.69 15.15
CA PRO B 66 -2.10 -7.40 14.60
C PRO B 66 -2.51 -6.23 15.49
N PRO B 67 -1.58 -5.28 15.72
CA PRO B 67 -1.87 -4.13 16.57
C PRO B 67 -2.61 -3.02 15.81
N ALA B 68 -2.65 -1.83 16.39
CA ALA B 68 -3.11 -0.64 15.72
C ALA B 68 -2.11 -0.28 14.62
N LEU B 69 -2.58 0.38 13.57
CA LEU B 69 -1.69 0.91 12.55
C LEU B 69 -0.89 2.06 13.14
N GLU B 70 0.43 1.97 13.02
CA GLU B 70 1.30 3.05 13.46
C GLU B 70 2.36 3.39 12.41
N ASP B 71 2.85 4.63 12.46
CA ASP B 71 3.84 5.12 11.52
C ASP B 71 5.24 4.87 12.04
N THR B 72 6.12 4.37 11.16
CA THR B 72 7.53 4.27 11.47
C THR B 72 8.27 5.42 10.79
N GLU B 73 8.91 6.25 11.62
CA GLU B 73 9.63 7.43 11.15
C GLU B 73 10.99 7.03 10.60
N LEU B 74 11.28 7.45 9.38
CA LEU B 74 12.53 7.10 8.69
C LEU B 74 13.28 8.33 8.20
#